data_9KEP
#
_entry.id   9KEP
#
_cell.length_a   114.330
_cell.length_b   49.480
_cell.length_c   100.860
_cell.angle_alpha   90.00
_cell.angle_beta   117.62
_cell.angle_gamma   90.00
#
_symmetry.space_group_name_H-M   'C 1 2 1'
#
loop_
_entity.id
_entity.type
_entity.pdbx_description
1 polymer 'NM57-scFv light chain'
2 polymer RABV-G-PHD-FD
3 polymer 'NM57-scFv heavy chain'
#
loop_
_entity_poly.entity_id
_entity_poly.type
_entity_poly.pdbx_seq_one_letter_code
_entity_poly.pdbx_strand_id
1 'polypeptide(L)'
;QSALTQPRSVSGSPGQSVTISCTGTSSDIGGYNFVSWYQQHPGKAPKLMIYDATKRPSGVPDRFSGSKSGNTASLTISGL
QAEDEADYYCCSYAGDYTPGVVFGGGTKLTVLGQPK
;
A
2 'polypeptide(L)'
;LVVEDEGCTNLSEFSYMELKVGYISAIKVNGFTCTGVVTEAETYTGGSGGTTFKRKHFRPTPDACRAAYNWLMAGDPRYE
ESLHNPYGGSGGRTTKESLIIISPSVTDLDPYDKSLHSRVFPGGKCSGITVSSTYCSTNHDYTIWMPENPRPRTPCDIFT
NSRGKRASNGNKTCGFVDERGLYKSLKGACRLKLCGVLGLRLMDGTWVAMQTSDETKWCPPDQLVNLHDFRSDEIEHHHH
HHH
;
B
3 'polypeptide(L)'
;QVQLVQSGAEVKKPGSSVKVSCKASGGTFNRYTVNWVRQAPGQGLEWMGGIIPIFGTANYAQRFQGRLTITADESTSTAY
MELSSLRSDDTAVYFCARENLDNSGTYYYFSGWFDPWGQGTLVTVSS
;
D
#
# COMPACT_ATOMS: atom_id res chain seq x y z
N GLN A 1 -17.71 -2.84 -1.63
CA GLN A 1 -16.42 -3.42 -1.99
C GLN A 1 -16.49 -4.94 -1.98
N SER A 2 -15.32 -5.57 -2.00
CA SER A 2 -15.19 -7.02 -1.93
C SER A 2 -14.23 -7.38 -0.80
N ALA A 3 -13.94 -8.67 -0.66
CA ALA A 3 -13.05 -9.17 0.37
C ALA A 3 -12.29 -10.38 -0.15
N LEU A 4 -11.24 -10.75 0.56
CA LEU A 4 -10.50 -11.97 0.26
C LEU A 4 -11.26 -13.18 0.79
N THR A 5 -11.34 -14.22 -0.03
CA THR A 5 -12.04 -15.44 0.35
C THR A 5 -11.16 -16.29 1.25
N GLN A 6 -11.61 -16.50 2.48
CA GLN A 6 -11.00 -17.40 3.44
C GLN A 6 -12.02 -18.46 3.85
N PRO A 7 -11.56 -19.60 4.36
CA PRO A 7 -12.48 -20.52 5.03
C PRO A 7 -13.04 -19.88 6.30
N ARG A 8 -14.17 -20.43 6.75
CA ARG A 8 -14.79 -19.91 7.97
C ARG A 8 -14.12 -20.45 9.22
N SER A 9 -13.61 -21.67 9.19
CA SER A 9 -13.00 -22.27 10.37
C SER A 9 -12.11 -23.43 9.97
N VAL A 10 -11.04 -23.62 10.74
CA VAL A 10 -10.16 -24.77 10.63
C VAL A 10 -9.93 -25.32 12.03
N SER A 11 -9.60 -26.61 12.10
CA SER A 11 -9.44 -27.29 13.36
C SER A 11 -8.13 -28.08 13.38
N GLY A 12 -7.60 -28.27 14.58
CA GLY A 12 -6.38 -29.05 14.75
C GLY A 12 -6.17 -29.39 16.20
N SER A 13 -5.59 -30.55 16.44
CA SER A 13 -5.19 -30.96 17.78
C SER A 13 -3.80 -30.44 18.10
N PRO A 14 -3.46 -30.30 19.38
CA PRO A 14 -2.15 -29.75 19.74
C PRO A 14 -1.02 -30.54 19.12
N GLY A 15 -0.06 -29.83 18.54
CA GLY A 15 1.06 -30.43 17.85
C GLY A 15 0.85 -30.67 16.37
N GLN A 16 -0.36 -30.47 15.87
CA GLN A 16 -0.66 -30.70 14.47
C GLN A 16 -0.50 -29.42 13.66
N SER A 17 -0.65 -29.54 12.35
CA SER A 17 -0.49 -28.44 11.41
C SER A 17 -1.80 -28.18 10.69
N VAL A 18 -2.12 -26.90 10.49
CA VAL A 18 -3.28 -26.48 9.72
C VAL A 18 -2.86 -25.39 8.74
N THR A 19 -3.60 -25.27 7.66
CA THR A 19 -3.32 -24.27 6.63
C THR A 19 -4.60 -23.52 6.30
N ILE A 20 -4.53 -22.19 6.36
CA ILE A 20 -5.65 -21.32 6.01
C ILE A 20 -5.40 -20.77 4.62
N SER A 21 -6.29 -21.09 3.68
CA SER A 21 -6.15 -20.57 2.34
C SER A 21 -6.64 -19.12 2.28
N CYS A 22 -6.41 -18.50 1.13
CA CYS A 22 -6.82 -17.12 0.87
C CYS A 22 -6.75 -16.87 -0.63
N THR A 23 -7.87 -16.54 -1.25
CA THR A 23 -7.91 -16.33 -2.70
C THR A 23 -8.32 -14.89 -3.00
N GLY A 24 -8.05 -14.47 -4.23
CA GLY A 24 -8.38 -13.11 -4.63
C GLY A 24 -7.38 -12.06 -4.22
N THR A 25 -6.15 -12.46 -3.89
CA THR A 25 -5.10 -11.48 -3.64
C THR A 25 -4.86 -10.64 -4.90
N SER A 26 -4.63 -9.35 -4.71
CA SER A 26 -4.44 -8.44 -5.82
C SER A 26 -2.96 -8.29 -6.15
N SER A 27 -2.69 -7.94 -7.40
CA SER A 27 -1.33 -7.74 -7.88
C SER A 27 -1.34 -6.62 -8.91
N ASP A 28 -0.39 -5.70 -8.80
CA ASP A 28 -0.28 -4.60 -9.75
C ASP A 28 -0.04 -5.14 -11.16
N ILE A 29 -0.26 -4.26 -12.16
CA ILE A 29 0.01 -4.64 -13.54
C ILE A 29 1.47 -5.06 -13.69
N GLY A 30 2.38 -4.34 -13.04
CA GLY A 30 3.79 -4.67 -13.02
C GLY A 30 4.24 -5.62 -11.93
N GLY A 31 3.32 -6.18 -11.15
CA GLY A 31 3.66 -7.26 -10.26
C GLY A 31 3.86 -6.92 -8.80
N TYR A 32 3.49 -5.72 -8.35
CA TYR A 32 3.58 -5.42 -6.93
C TYR A 32 2.49 -6.18 -6.18
N ASN A 33 2.90 -7.04 -5.25
CA ASN A 33 1.99 -7.75 -4.38
C ASN A 33 2.48 -7.57 -2.94
N PHE A 34 1.54 -7.71 -2.00
CA PHE A 34 1.86 -7.54 -0.59
C PHE A 34 0.72 -8.19 0.21
N VAL A 35 0.97 -9.40 0.69
CA VAL A 35 0.01 -10.15 1.49
C VAL A 35 0.50 -10.17 2.93
N SER A 36 -0.44 -10.13 3.87
CA SER A 36 -0.10 -10.14 5.28
C SER A 36 -1.21 -10.84 6.06
N TRP A 37 -0.82 -11.46 7.17
CA TRP A 37 -1.73 -12.18 8.04
C TRP A 37 -1.69 -11.60 9.44
N TYR A 38 -2.85 -11.55 10.09
CA TYR A 38 -2.97 -11.00 11.43
C TYR A 38 -3.69 -12.00 12.33
N GLN A 39 -3.32 -11.99 13.61
CA GLN A 39 -3.93 -12.84 14.61
C GLN A 39 -4.67 -11.97 15.62
N GLN A 40 -5.95 -12.26 15.83
CA GLN A 40 -6.80 -11.48 16.72
C GLN A 40 -7.42 -12.38 17.77
N HIS A 41 -7.02 -12.19 19.02
CA HIS A 41 -7.66 -12.87 20.13
C HIS A 41 -8.93 -12.12 20.53
N PRO A 42 -9.90 -12.83 21.15
CA PRO A 42 -11.17 -12.18 21.51
C PRO A 42 -11.00 -10.91 22.34
N GLY A 43 -11.53 -9.80 21.85
CA GLY A 43 -11.46 -8.52 22.54
C GLY A 43 -10.14 -7.81 22.42
N LYS A 44 -9.17 -8.36 21.70
CA LYS A 44 -7.86 -7.74 21.54
C LYS A 44 -7.67 -7.22 20.13
N ALA A 45 -6.68 -6.35 19.98
CA ALA A 45 -6.35 -5.81 18.68
C ALA A 45 -5.70 -6.89 17.80
N PRO A 46 -5.75 -6.71 16.48
CA PRO A 46 -5.00 -7.61 15.60
C PRO A 46 -3.51 -7.53 15.88
N LYS A 47 -2.80 -8.59 15.51
CA LYS A 47 -1.38 -8.70 15.79
C LYS A 47 -0.69 -9.34 14.59
N LEU A 48 0.37 -8.69 14.12
CA LEU A 48 0.98 -9.07 12.85
C LEU A 48 1.78 -10.36 12.98
N MET A 49 1.61 -11.26 12.01
CA MET A 49 2.27 -12.56 11.97
C MET A 49 3.16 -12.72 10.75
N ILE A 50 2.67 -12.36 9.58
CA ILE A 50 3.41 -12.46 8.32
C ILE A 50 3.19 -11.13 7.60
N TYR A 51 4.27 -10.42 7.28
CA TYR A 51 4.09 -9.07 6.74
C TYR A 51 4.31 -8.95 5.24
N ASP A 52 5.42 -9.44 4.70
CA ASP A 52 5.42 -9.79 3.29
C ASP A 52 5.01 -11.24 3.20
N ALA A 53 4.52 -11.64 2.03
CA ALA A 53 4.38 -13.06 1.76
C ALA A 53 5.66 -13.78 2.22
N THR A 54 5.46 -14.79 3.07
CA THR A 54 6.47 -15.59 3.79
C THR A 54 7.50 -14.77 4.57
N LYS A 55 7.17 -13.61 5.14
CA LYS A 55 8.11 -12.90 6.00
C LYS A 55 7.49 -12.63 7.37
N ARG A 56 8.27 -12.86 8.43
CA ARG A 56 7.80 -12.77 9.81
C ARG A 56 8.46 -11.62 10.56
N PRO A 57 7.71 -10.87 11.37
CA PRO A 57 8.33 -9.92 12.29
C PRO A 57 8.96 -10.66 13.46
N SER A 58 9.73 -9.91 14.26
CA SER A 58 10.37 -10.50 15.42
C SER A 58 9.32 -10.89 16.46
N GLY A 59 9.62 -11.95 17.21
CA GLY A 59 8.71 -12.46 18.21
C GLY A 59 7.66 -13.40 17.71
N VAL A 60 7.57 -13.63 16.40
CA VAL A 60 6.63 -14.58 15.82
C VAL A 60 7.40 -15.86 15.52
N PRO A 61 7.05 -16.98 16.16
CA PRO A 61 7.84 -18.21 15.97
C PRO A 61 7.81 -18.69 14.54
N ASP A 62 8.78 -19.57 14.21
CA ASP A 62 8.82 -20.20 12.91
C ASP A 62 7.74 -21.25 12.71
N ARG A 63 6.90 -21.48 13.73
CA ARG A 63 5.69 -22.27 13.52
C ARG A 63 4.79 -21.62 12.48
N PHE A 64 4.75 -20.29 12.47
CA PHE A 64 3.93 -19.54 11.54
C PHE A 64 4.70 -19.34 10.24
N SER A 65 4.04 -19.59 9.11
CA SER A 65 4.71 -19.57 7.82
C SER A 65 3.72 -19.14 6.74
N GLY A 66 4.17 -18.25 5.86
CA GLY A 66 3.36 -17.75 4.77
C GLY A 66 3.82 -18.31 3.43
N SER A 67 2.95 -18.12 2.43
CA SER A 67 3.23 -18.58 1.07
C SER A 67 2.30 -17.86 0.11
N LYS A 68 2.79 -17.62 -1.10
CA LYS A 68 2.02 -16.92 -2.13
C LYS A 68 2.08 -17.69 -3.43
N SER A 69 0.98 -17.67 -4.17
CA SER A 69 0.88 -18.34 -5.47
C SER A 69 -0.24 -17.66 -6.25
N GLY A 70 0.14 -16.79 -7.18
CA GLY A 70 -0.85 -16.04 -7.92
C GLY A 70 -1.65 -15.14 -7.00
N ASN A 71 -2.97 -15.20 -7.13
CA ASN A 71 -3.86 -14.48 -6.23
C ASN A 71 -4.21 -15.28 -4.98
N THR A 72 -3.51 -16.40 -4.74
CA THR A 72 -3.73 -17.19 -3.55
C THR A 72 -2.61 -16.97 -2.55
N ALA A 73 -2.94 -17.14 -1.26
CA ALA A 73 -1.98 -17.02 -0.18
C ALA A 73 -2.39 -17.97 0.93
N SER A 74 -1.41 -18.62 1.55
CA SER A 74 -1.67 -19.64 2.55
C SER A 74 -0.85 -19.37 3.80
N LEU A 75 -1.49 -19.45 4.95
CA LEU A 75 -0.83 -19.36 6.25
C LEU A 75 -0.84 -20.74 6.90
N THR A 76 0.33 -21.19 7.35
CA THR A 76 0.47 -22.50 7.99
C THR A 76 0.96 -22.30 9.42
N ILE A 77 0.19 -22.81 10.38
CA ILE A 77 0.63 -22.93 11.76
C ILE A 77 1.03 -24.38 12.00
N SER A 78 2.24 -24.57 12.53
CA SER A 78 2.76 -25.90 12.82
C SER A 78 3.01 -26.03 14.32
N GLY A 79 2.90 -27.26 14.81
CA GLY A 79 2.97 -27.49 16.24
C GLY A 79 1.94 -26.67 16.97
N LEU A 80 0.67 -26.84 16.58
CA LEU A 80 -0.43 -26.03 17.10
C LEU A 80 -0.44 -26.03 18.62
N GLN A 81 -0.41 -24.84 19.20
CA GLN A 81 -0.48 -24.67 20.63
C GLN A 81 -1.79 -23.98 21.01
N ALA A 82 -2.18 -24.13 22.27
CA ALA A 82 -3.50 -23.67 22.70
C ALA A 82 -3.65 -22.17 22.51
N GLU A 83 -2.57 -21.42 22.71
CA GLU A 83 -2.57 -19.97 22.56
C GLU A 83 -2.87 -19.52 21.13
N ASP A 84 -2.85 -20.44 20.16
CA ASP A 84 -3.11 -20.12 18.76
C ASP A 84 -4.60 -20.01 18.44
N GLU A 85 -5.47 -20.29 19.40
CA GLU A 85 -6.91 -20.16 19.18
C GLU A 85 -7.28 -18.68 19.04
N ALA A 86 -7.61 -18.26 17.84
CA ALA A 86 -7.93 -16.87 17.54
C ALA A 86 -8.55 -16.81 16.15
N ASP A 87 -8.91 -15.60 15.73
CA ASP A 87 -9.28 -15.33 14.36
C ASP A 87 -8.04 -15.02 13.54
N TYR A 88 -8.12 -15.28 12.24
CA TYR A 88 -6.99 -15.08 11.35
C TYR A 88 -7.46 -14.43 10.07
N TYR A 89 -6.82 -13.31 9.70
CA TYR A 89 -7.21 -12.49 8.56
C TYR A 89 -6.04 -12.38 7.60
N CYS A 90 -6.26 -12.69 6.32
CA CYS A 90 -5.29 -12.27 5.32
C CYS A 90 -5.61 -10.85 4.86
N CYS A 91 -4.59 -10.16 4.37
CA CYS A 91 -4.73 -8.76 3.97
C CYS A 91 -3.85 -8.51 2.76
N SER A 92 -4.44 -8.02 1.68
CA SER A 92 -3.75 -7.82 0.42
C SER A 92 -3.84 -6.36 -0.01
N TYR A 93 -2.85 -5.92 -0.78
CA TYR A 93 -2.80 -4.58 -1.32
C TYR A 93 -3.81 -4.48 -2.47
N ALA A 94 -4.73 -3.51 -2.37
CA ALA A 94 -5.92 -3.52 -3.21
C ALA A 94 -5.60 -3.41 -4.70
N GLY A 95 -4.49 -2.77 -5.04
CA GLY A 95 -4.05 -2.70 -6.42
C GLY A 95 -4.34 -1.35 -7.03
N ASP A 96 -4.20 -1.30 -8.36
CA ASP A 96 -4.25 -0.03 -9.08
C ASP A 96 -5.46 0.85 -8.77
N TYR A 97 -6.67 0.28 -8.84
CA TYR A 97 -7.89 1.10 -8.89
C TYR A 97 -8.64 1.16 -7.57
N THR A 98 -8.35 0.30 -6.60
CA THR A 98 -9.01 0.40 -5.31
C THR A 98 -8.03 0.94 -4.28
N PRO A 99 -8.41 1.94 -3.49
CA PRO A 99 -7.44 2.55 -2.57
C PRO A 99 -7.18 1.66 -1.36
N GLY A 100 -5.91 1.56 -0.99
CA GLY A 100 -5.49 0.86 0.22
C GLY A 100 -5.38 -0.65 0.15
N VAL A 101 -5.94 -1.32 1.16
CA VAL A 101 -5.86 -2.77 1.28
C VAL A 101 -7.26 -3.34 1.40
N VAL A 102 -7.37 -4.63 1.12
CA VAL A 102 -8.61 -5.37 1.27
C VAL A 102 -8.37 -6.53 2.22
N PHE A 103 -9.25 -6.68 3.20
CA PHE A 103 -9.12 -7.73 4.20
C PHE A 103 -9.93 -8.96 3.79
N GLY A 104 -9.57 -10.10 4.40
CA GLY A 104 -10.32 -11.33 4.20
C GLY A 104 -11.47 -11.46 5.19
N GLY A 105 -12.31 -12.47 4.94
CA GLY A 105 -13.47 -12.67 5.79
C GLY A 105 -13.12 -13.03 7.22
N GLY A 106 -11.98 -13.68 7.43
CA GLY A 106 -11.60 -14.12 8.75
C GLY A 106 -11.85 -15.60 8.95
N THR A 107 -10.89 -16.31 9.54
CA THR A 107 -10.98 -17.74 9.75
C THR A 107 -10.79 -18.04 11.24
N LYS A 108 -11.72 -18.80 11.82
CA LYS A 108 -11.65 -19.21 13.21
C LYS A 108 -10.87 -20.51 13.32
N LEU A 109 -9.76 -20.47 14.04
CA LEU A 109 -9.00 -21.67 14.35
C LEU A 109 -9.30 -22.09 15.78
N THR A 110 -9.88 -23.27 15.94
CA THR A 110 -10.13 -23.86 17.25
C THR A 110 -9.16 -25.02 17.46
N VAL A 111 -8.53 -25.04 18.63
CA VAL A 111 -7.60 -26.10 19.01
C VAL A 111 -8.36 -27.08 19.91
N LEU A 112 -8.37 -28.35 19.52
CA LEU A 112 -9.15 -29.36 20.21
C LEU A 112 -8.41 -29.85 21.46
N GLY A 113 -9.07 -30.71 22.23
CA GLY A 113 -8.49 -31.24 23.46
C GLY A 113 -8.65 -30.31 24.64
N VAL B 3 0.32 33.11 -18.65
CA VAL B 3 0.61 32.54 -17.30
C VAL B 3 -0.50 31.56 -16.93
N GLU B 4 -1.72 32.05 -16.68
CA GLU B 4 -2.83 31.17 -16.37
C GLU B 4 -3.73 30.98 -17.59
N ASP B 5 -4.76 30.14 -17.41
CA ASP B 5 -5.78 29.90 -18.42
C ASP B 5 -7.12 30.06 -17.70
N GLU B 6 -8.18 30.33 -18.48
CA GLU B 6 -9.58 30.22 -18.10
C GLU B 6 -10.09 31.01 -16.89
N GLY B 7 -9.60 32.24 -16.72
CA GLY B 7 -10.10 33.10 -15.65
C GLY B 7 -10.11 32.48 -14.28
N CYS B 8 -8.96 31.96 -13.85
CA CYS B 8 -8.79 31.36 -12.53
C CYS B 8 -7.79 32.19 -11.75
N THR B 9 -8.23 32.78 -10.64
CA THR B 9 -7.41 33.73 -9.89
C THR B 9 -7.85 33.77 -8.44
N ASN B 10 -6.93 33.46 -7.53
CA ASN B 10 -7.14 33.63 -6.09
C ASN B 10 -5.83 33.40 -5.33
N PHE B 14 -0.77 26.60 0.73
CA PHE B 14 -0.82 25.31 0.06
C PHE B 14 0.27 24.35 0.49
N SER B 15 0.01 23.05 0.33
CA SER B 15 0.99 22.01 0.61
C SER B 15 0.51 20.73 -0.05
N TYR B 16 1.35 20.15 -0.91
CA TYR B 16 0.96 18.95 -1.63
C TYR B 16 2.16 18.03 -1.78
N MET B 17 1.85 16.73 -1.96
CA MET B 17 2.85 15.74 -2.32
C MET B 17 3.00 15.71 -3.83
N GLU B 18 4.22 15.90 -4.32
CA GLU B 18 4.54 15.77 -5.73
C GLU B 18 5.72 14.81 -5.89
N LEU B 19 5.82 14.23 -7.08
CA LEU B 19 6.98 13.40 -7.40
C LEU B 19 8.20 14.28 -7.60
N SER B 25 12.76 11.37 -12.99
CA SER B 25 12.93 10.19 -13.83
C SER B 25 14.39 9.76 -13.87
N ALA B 26 15.15 10.15 -12.84
CA ALA B 26 16.56 9.82 -12.73
C ALA B 26 16.81 8.53 -11.95
N ILE B 27 15.78 7.74 -11.70
CA ILE B 27 15.94 6.50 -10.97
C ILE B 27 16.55 5.43 -11.87
N LYS B 28 17.65 4.85 -11.43
CA LYS B 28 18.37 3.84 -12.19
C LYS B 28 17.80 2.45 -11.93
N VAL B 29 17.91 1.60 -12.95
CA VAL B 29 17.56 0.18 -12.85
C VAL B 29 18.77 -0.60 -13.35
N ASN B 30 19.54 -1.18 -12.43
CA ASN B 30 20.74 -1.91 -12.81
C ASN B 30 20.39 -3.09 -13.71
N GLY B 31 21.33 -3.46 -14.57
CA GLY B 31 21.07 -4.54 -15.50
C GLY B 31 22.35 -4.96 -16.19
N PHE B 32 22.17 -5.67 -17.30
CA PHE B 32 23.31 -6.21 -18.04
C PHE B 32 22.88 -6.41 -19.50
N THR B 33 23.82 -6.90 -20.30
CA THR B 33 23.57 -7.24 -21.69
C THR B 33 24.16 -8.60 -22.01
N CYS B 34 23.44 -9.40 -22.78
CA CYS B 34 23.91 -10.69 -23.24
C CYS B 34 24.30 -10.63 -24.70
N THR B 35 25.37 -11.32 -25.05
CA THR B 35 25.91 -11.29 -26.41
C THR B 35 26.62 -12.60 -26.70
N GLY B 36 26.44 -13.11 -27.92
CA GLY B 36 27.10 -14.33 -28.33
C GLY B 36 27.69 -14.26 -29.72
N HIS B 57 28.55 -16.13 -33.49
CA HIS B 57 27.98 -14.82 -33.21
C HIS B 57 26.46 -14.90 -33.20
N PHE B 58 25.91 -15.75 -32.32
CA PHE B 58 24.49 -16.05 -32.32
C PHE B 58 23.64 -15.10 -31.46
N ARG B 59 22.35 -15.03 -31.78
CA ARG B 59 21.50 -13.98 -31.23
C ARG B 59 20.76 -13.97 -29.89
N PRO B 60 20.20 -15.11 -29.37
CA PRO B 60 19.28 -14.98 -28.25
C PRO B 60 19.33 -16.18 -27.30
N THR B 61 19.67 -15.93 -26.04
CA THR B 61 19.35 -16.85 -24.96
C THR B 61 18.72 -16.10 -23.79
N PRO B 62 17.40 -15.94 -23.81
CA PRO B 62 16.76 -15.28 -22.65
C PRO B 62 16.81 -16.13 -21.39
N ASP B 63 16.55 -17.44 -21.52
CA ASP B 63 16.42 -18.29 -20.33
C ASP B 63 17.75 -18.53 -19.65
N ALA B 64 18.81 -18.80 -20.43
CA ALA B 64 20.11 -19.05 -19.85
C ALA B 64 20.90 -17.79 -19.53
N CYS B 65 20.55 -16.66 -20.15
CA CYS B 65 21.16 -15.39 -19.77
C CYS B 65 20.88 -15.06 -18.32
N ARG B 66 19.65 -15.31 -17.87
CA ARG B 66 19.32 -15.15 -16.46
C ARG B 66 20.11 -16.12 -15.59
N ALA B 67 20.12 -17.40 -15.98
CA ALA B 67 20.93 -18.37 -15.25
C ALA B 67 22.41 -18.04 -15.32
N ALA B 68 22.87 -17.48 -16.44
CA ALA B 68 24.24 -16.97 -16.49
C ALA B 68 24.45 -15.85 -15.50
N TYR B 69 23.41 -15.05 -15.25
CA TYR B 69 23.52 -14.03 -14.21
C TYR B 69 23.37 -14.64 -12.82
N ASN B 70 22.47 -15.62 -12.66
CA ASN B 70 22.35 -16.29 -11.36
C ASN B 70 23.60 -17.05 -10.97
N TRP B 71 24.52 -17.27 -11.91
CA TRP B 71 25.86 -17.70 -11.55
C TRP B 71 26.60 -16.63 -10.76
N LEU B 72 26.06 -15.41 -10.71
CA LEU B 72 26.61 -14.28 -9.95
C LEU B 72 28.13 -14.14 -10.03
N ILE B 100 28.57 -16.87 -24.72
CA ILE B 100 27.72 -15.79 -24.24
C ILE B 100 28.47 -14.98 -23.18
N ILE B 101 28.27 -13.66 -23.17
CA ILE B 101 29.02 -12.78 -22.29
C ILE B 101 28.09 -11.72 -21.71
N ILE B 102 28.46 -11.21 -20.54
CA ILE B 102 27.61 -10.35 -19.71
C ILE B 102 28.40 -9.11 -19.33
N SER B 103 27.77 -7.94 -19.49
CA SER B 103 28.39 -6.67 -19.14
C SER B 103 27.35 -5.74 -18.51
N PRO B 104 27.68 -5.07 -17.41
CA PRO B 104 26.69 -4.21 -16.76
C PRO B 104 26.26 -3.05 -17.64
N SER B 105 24.95 -2.85 -17.75
CA SER B 105 24.38 -1.72 -18.47
C SER B 105 23.22 -1.18 -17.63
N VAL B 106 23.32 0.08 -17.22
CA VAL B 106 22.36 0.69 -16.31
C VAL B 106 21.37 1.52 -17.11
N THR B 107 20.10 1.42 -16.75
CA THR B 107 19.03 2.16 -17.40
C THR B 107 18.18 2.84 -16.34
N ASP B 108 17.41 3.84 -16.78
CA ASP B 108 16.44 4.52 -15.94
C ASP B 108 15.04 4.17 -16.43
N LEU B 109 14.10 4.04 -15.50
CA LEU B 109 12.70 3.83 -15.84
C LEU B 109 11.91 5.09 -15.51
N ASP B 110 11.01 5.46 -16.40
CA ASP B 110 10.06 6.52 -16.12
C ASP B 110 8.98 5.97 -15.19
N PRO B 111 8.75 6.59 -14.03
CA PRO B 111 7.82 6.00 -13.05
C PRO B 111 6.38 5.91 -13.54
N TYR B 112 6.00 6.65 -14.56
CA TYR B 112 4.61 6.64 -15.03
C TYR B 112 4.39 5.57 -16.10
N ASP B 113 5.28 5.52 -17.08
CA ASP B 113 5.22 4.52 -18.13
C ASP B 113 5.88 3.21 -17.72
N LYS B 114 6.61 3.19 -16.61
CA LYS B 114 7.38 2.01 -16.18
C LYS B 114 8.30 1.53 -17.29
N SER B 115 8.84 2.49 -18.05
CA SER B 115 9.59 2.22 -19.26
C SER B 115 11.07 2.51 -19.05
N LEU B 116 11.92 1.53 -19.33
CA LEU B 116 13.36 1.69 -19.18
C LEU B 116 13.95 2.48 -20.34
N HIS B 117 14.88 3.37 -20.02
CA HIS B 117 15.50 4.29 -20.99
C HIS B 117 17.00 4.13 -20.95
N SER B 118 17.62 4.01 -22.12
CA SER B 118 19.08 3.96 -22.24
C SER B 118 19.43 4.05 -23.72
N ARG B 119 20.68 4.45 -23.98
CA ARG B 119 21.11 4.58 -25.38
C ARG B 119 21.19 3.23 -26.07
N VAL B 120 21.37 2.15 -25.32
CA VAL B 120 21.44 0.82 -25.93
C VAL B 120 20.11 0.42 -26.55
N PHE B 121 19.00 1.04 -26.13
CA PHE B 121 17.69 0.69 -26.65
C PHE B 121 17.46 1.37 -27.99
N PRO B 122 16.66 0.74 -28.88
CA PRO B 122 16.51 1.26 -30.25
C PRO B 122 16.10 2.72 -30.30
N GLY B 123 14.93 3.05 -29.76
CA GLY B 123 14.52 4.42 -29.61
C GLY B 123 14.87 5.02 -28.27
N GLY B 124 15.64 4.31 -27.46
CA GLY B 124 15.91 4.74 -26.11
C GLY B 124 14.82 4.38 -25.11
N LYS B 125 13.95 3.44 -25.44
CA LYS B 125 12.88 3.03 -24.55
C LYS B 125 12.69 1.52 -24.66
N CYS B 126 11.93 0.97 -23.71
CA CYS B 126 11.67 -0.46 -23.63
C CYS B 126 10.61 -0.66 -22.54
N SER B 127 10.25 -1.91 -22.31
CA SER B 127 9.28 -2.24 -21.26
C SER B 127 9.47 -3.68 -20.82
N GLY B 128 9.34 -3.92 -19.52
CA GLY B 128 9.50 -5.25 -18.96
C GLY B 128 8.77 -5.44 -17.65
N SER B 132 5.29 -11.62 -22.43
CA SER B 132 6.73 -11.44 -22.27
C SER B 132 7.10 -10.92 -20.88
N SER B 133 7.55 -9.67 -20.85
CA SER B 133 8.13 -9.03 -19.66
C SER B 133 9.38 -9.76 -19.18
N THR B 134 10.12 -10.38 -20.11
CA THR B 134 11.30 -11.15 -19.76
C THR B 134 12.59 -10.58 -20.35
N TYR B 135 12.63 -10.28 -21.63
CA TYR B 135 13.83 -9.80 -22.29
C TYR B 135 13.60 -8.41 -22.85
N CYS B 136 14.64 -7.84 -23.46
CA CYS B 136 14.52 -6.56 -24.15
C CYS B 136 15.64 -6.45 -25.18
N SER B 137 15.27 -6.23 -26.44
CA SER B 137 16.23 -6.13 -27.53
C SER B 137 16.78 -4.74 -27.77
N THR B 138 18.06 -4.69 -28.16
CA THR B 138 18.77 -3.43 -28.35
C THR B 138 19.00 -3.09 -29.83
N ASN B 139 19.96 -2.20 -30.08
CA ASN B 139 20.29 -1.81 -31.45
C ASN B 139 20.65 -2.98 -32.34
N HIS B 140 21.35 -3.97 -31.80
CA HIS B 140 21.90 -5.07 -32.56
C HIS B 140 20.99 -6.29 -32.43
N ASP B 141 21.43 -7.42 -33.00
CA ASP B 141 20.70 -8.68 -32.90
C ASP B 141 21.12 -9.47 -31.67
N TYR B 142 22.42 -9.74 -31.55
CA TYR B 142 22.96 -10.62 -30.52
C TYR B 142 22.84 -10.05 -29.10
N THR B 143 22.47 -8.78 -28.95
CA THR B 143 22.44 -8.11 -27.66
C THR B 143 21.01 -7.96 -27.17
N ILE B 144 20.70 -8.62 -26.06
CA ILE B 144 19.44 -8.43 -25.35
C ILE B 144 19.77 -7.94 -23.94
N TRP B 145 19.03 -6.93 -23.49
CA TRP B 145 19.24 -6.38 -22.16
C TRP B 145 18.25 -7.00 -21.18
N MET B 146 18.72 -7.28 -19.96
CA MET B 146 17.92 -7.99 -18.96
C MET B 146 18.23 -7.40 -17.59
N PRO B 147 17.22 -7.23 -16.74
CA PRO B 147 17.45 -6.57 -15.46
C PRO B 147 18.08 -7.55 -14.48
N GLU B 148 18.90 -7.02 -13.57
CA GLU B 148 19.36 -7.84 -12.46
C GLU B 148 18.23 -8.22 -11.52
N ASN B 149 17.11 -7.49 -11.59
CA ASN B 149 15.93 -7.69 -10.75
C ASN B 149 14.72 -7.46 -11.67
N PRO B 150 13.96 -8.51 -12.00
CA PRO B 150 12.78 -8.36 -12.85
C PRO B 150 11.65 -7.60 -12.16
N ARG B 153 10.88 -1.49 -10.68
CA ARG B 153 9.75 -0.86 -9.99
C ARG B 153 10.17 0.50 -9.41
N THR B 154 9.24 1.45 -9.44
CA THR B 154 9.51 2.78 -8.91
C THR B 154 9.88 2.70 -7.43
N PRO B 155 10.97 3.34 -7.00
CA PRO B 155 11.23 3.45 -5.56
C PRO B 155 10.18 4.32 -4.91
N CYS B 156 9.90 4.03 -3.64
CA CYS B 156 8.90 4.79 -2.89
C CYS B 156 9.52 5.88 -2.05
N ASP B 157 10.80 6.19 -2.26
CA ASP B 157 11.51 7.21 -1.49
C ASP B 157 11.81 8.45 -2.33
N ILE B 158 11.01 8.71 -3.36
CA ILE B 158 11.29 9.81 -4.28
C ILE B 158 10.15 10.82 -4.27
N PHE B 159 9.49 10.97 -3.14
CA PHE B 159 8.39 11.92 -2.99
C PHE B 159 8.85 13.14 -2.21
N THR B 160 8.06 14.22 -2.32
CA THR B 160 8.42 15.49 -1.70
C THR B 160 7.16 16.32 -1.46
N ASN B 161 7.36 17.47 -0.80
CA ASN B 161 6.28 18.28 -0.23
C ASN B 161 6.43 19.73 -0.69
N SER B 162 5.75 20.09 -1.78
CA SER B 162 5.79 21.43 -2.36
C SER B 162 4.54 22.21 -1.94
N ARG B 163 4.39 23.46 -2.45
CA ARG B 163 3.53 24.41 -1.74
C ARG B 163 2.66 25.41 -2.51
N GLY B 164 2.46 25.28 -3.83
CA GLY B 164 1.78 26.32 -4.59
C GLY B 164 0.27 26.48 -4.52
N LYS B 165 -0.18 27.67 -4.12
CA LYS B 165 -1.59 27.95 -3.81
C LYS B 165 -2.35 28.42 -5.05
N ARG B 166 -3.61 27.94 -5.20
CA ARG B 166 -4.12 27.71 -6.54
C ARG B 166 -5.56 28.13 -6.84
N ALA B 167 -6.47 28.20 -5.86
CA ALA B 167 -7.91 28.12 -6.14
C ALA B 167 -8.79 29.36 -6.43
N SER B 168 -9.58 29.25 -7.52
CA SER B 168 -10.37 30.38 -8.01
C SER B 168 -11.68 30.74 -7.32
N ASN B 169 -12.56 29.75 -7.19
CA ASN B 169 -13.74 29.86 -6.34
C ASN B 169 -13.79 28.93 -5.12
N GLY B 170 -14.68 29.23 -4.16
CA GLY B 170 -14.89 28.37 -3.01
C GLY B 170 -15.04 26.87 -3.16
N ASN B 171 -15.79 26.44 -4.18
CA ASN B 171 -15.94 25.02 -4.45
C ASN B 171 -15.49 24.84 -5.91
N LYS B 172 -14.33 25.37 -6.27
CA LYS B 172 -13.80 25.08 -7.60
C LYS B 172 -12.31 25.37 -7.60
N THR B 173 -11.53 24.37 -8.01
CA THR B 173 -10.08 24.43 -8.06
C THR B 173 -9.64 24.24 -9.51
N CYS B 174 -8.83 25.16 -10.00
CA CYS B 174 -8.44 25.21 -11.41
C CYS B 174 -7.10 24.54 -11.68
N GLY B 175 -6.15 24.66 -10.77
CA GLY B 175 -4.82 24.14 -10.99
C GLY B 175 -3.79 24.96 -10.23
N PHE B 176 -2.68 24.31 -9.89
CA PHE B 176 -1.70 24.88 -8.98
C PHE B 176 -0.54 25.51 -9.73
N VAL B 177 0.39 26.05 -8.97
CA VAL B 177 1.57 26.74 -9.49
C VAL B 177 2.79 26.26 -8.72
N ASP B 178 3.81 25.80 -9.43
CA ASP B 178 5.01 25.28 -8.79
C ASP B 178 5.74 26.40 -8.03
N GLU B 179 6.68 25.98 -7.19
CA GLU B 179 7.52 26.95 -6.46
C GLU B 179 8.39 27.76 -7.42
N ARG B 180 8.47 27.37 -8.69
CA ARG B 180 9.10 28.18 -9.73
C ARG B 180 8.18 29.26 -10.26
N GLY B 181 6.87 29.01 -10.28
CA GLY B 181 5.93 29.97 -10.82
C GLY B 181 5.00 29.53 -11.93
N LEU B 182 5.10 28.26 -12.30
CA LEU B 182 4.36 27.71 -13.43
C LEU B 182 3.01 27.07 -13.17
N TYR B 183 1.97 27.59 -13.84
CA TYR B 183 0.60 27.15 -13.61
C TYR B 183 0.36 25.83 -14.33
N LYS B 184 0.19 24.76 -13.57
CA LYS B 184 -0.32 23.50 -14.09
C LYS B 184 -1.82 23.46 -13.88
N SER B 185 -2.56 23.19 -14.95
CA SER B 185 -4.01 23.19 -14.89
C SER B 185 -4.54 21.83 -14.45
N LEU B 186 -5.62 21.86 -13.67
CA LEU B 186 -6.30 20.65 -13.23
C LEU B 186 -7.36 20.17 -14.22
N LYS B 187 -7.52 20.86 -15.35
CA LYS B 187 -8.37 20.35 -16.41
C LYS B 187 -7.89 18.98 -16.85
N GLY B 188 -8.83 18.16 -17.33
CA GLY B 188 -8.54 16.86 -17.91
C GLY B 188 -7.46 16.02 -17.27
N ALA B 189 -7.46 15.93 -15.93
CA ALA B 189 -6.56 15.04 -15.22
C ALA B 189 -7.32 13.81 -14.73
N CYS B 190 -6.58 12.79 -14.31
CA CYS B 190 -7.17 11.52 -13.92
C CYS B 190 -6.49 10.97 -12.67
N ARG B 191 -7.26 10.20 -11.89
CA ARG B 191 -6.74 9.59 -10.68
C ARG B 191 -5.79 8.46 -11.02
N LEU B 192 -4.65 8.41 -10.33
CA LEU B 192 -3.57 7.48 -10.63
C LEU B 192 -2.97 6.96 -9.34
N LYS B 193 -2.83 5.65 -9.20
CA LYS B 193 -2.16 5.13 -8.03
C LYS B 193 -0.67 4.99 -8.31
N LEU B 194 0.13 5.44 -7.35
CA LEU B 194 1.57 5.64 -7.55
C LEU B 194 2.23 5.41 -6.21
N CYS B 195 2.98 4.31 -6.08
CA CYS B 195 3.54 3.87 -4.79
C CYS B 195 2.45 3.57 -3.77
N GLY B 196 1.28 3.14 -4.25
CA GLY B 196 0.20 2.75 -3.37
C GLY B 196 -0.64 3.89 -2.84
N VAL B 197 -0.27 5.14 -3.10
CA VAL B 197 -1.07 6.30 -2.71
C VAL B 197 -1.76 6.84 -3.95
N LEU B 198 -3.03 7.23 -3.78
CA LEU B 198 -3.92 7.55 -4.89
C LEU B 198 -3.89 9.07 -5.13
N GLY B 199 -3.32 9.47 -6.27
CA GLY B 199 -3.25 10.88 -6.62
C GLY B 199 -3.37 11.06 -8.12
N LEU B 200 -3.61 12.31 -8.52
CA LEU B 200 -3.97 12.57 -9.90
C LEU B 200 -2.75 12.65 -10.82
N ARG B 201 -2.90 12.08 -12.01
CA ARG B 201 -1.96 12.27 -13.10
C ARG B 201 -2.50 13.39 -14.00
N LEU B 202 -1.71 14.44 -14.16
CA LEU B 202 -2.16 15.56 -14.98
C LEU B 202 -1.92 15.27 -16.46
N MET B 203 -2.67 15.99 -17.32
CA MET B 203 -2.50 15.80 -18.75
C MET B 203 -1.12 16.22 -19.21
N ASP B 204 -0.51 17.19 -18.51
CA ASP B 204 0.86 17.57 -18.84
C ASP B 204 1.83 16.43 -18.54
N GLY B 205 1.50 15.58 -17.56
CA GLY B 205 2.29 14.40 -17.31
C GLY B 205 3.08 14.41 -16.02
N THR B 206 2.49 14.94 -14.94
CA THR B 206 3.10 14.93 -13.62
C THR B 206 2.07 14.42 -12.62
N TRP B 207 2.53 13.62 -11.66
CA TRP B 207 1.63 13.06 -10.66
C TRP B 207 1.57 13.98 -9.44
N VAL B 208 0.35 14.21 -8.95
CA VAL B 208 0.08 15.01 -7.76
C VAL B 208 -0.95 14.29 -6.92
N ALA B 209 -0.92 14.53 -5.61
CA ALA B 209 -1.88 13.98 -4.66
C ALA B 209 -2.75 15.12 -4.16
N MET B 210 -3.93 15.28 -4.77
CA MET B 210 -4.81 16.40 -4.46
C MET B 210 -6.15 15.90 -3.93
N GLN B 211 -7.12 16.81 -3.87
CA GLN B 211 -8.39 16.54 -3.21
C GLN B 211 -9.24 15.55 -4.00
N THR B 212 -9.15 15.56 -5.32
CA THR B 212 -10.00 14.73 -6.19
C THR B 212 -11.48 14.87 -5.84
N THR B 216 -11.70 12.99 -11.14
CA THR B 216 -12.64 11.90 -10.95
C THR B 216 -12.68 11.03 -12.21
N LYS B 217 -11.50 10.74 -12.75
CA LYS B 217 -11.34 9.86 -13.91
C LYS B 217 -10.12 8.99 -13.69
N TRP B 218 -10.05 7.90 -14.44
CA TRP B 218 -9.02 6.88 -14.24
C TRP B 218 -8.07 6.84 -15.43
N CYS B 219 -6.77 6.80 -15.14
CA CYS B 219 -5.74 6.76 -16.17
C CYS B 219 -5.53 5.34 -16.67
N VAL C 2 7.18 0.72 18.31
CA VAL C 2 6.32 1.88 18.51
C VAL C 2 5.16 1.51 19.44
N GLN C 3 4.75 2.44 20.29
CA GLN C 3 3.67 2.23 21.25
C GLN C 3 2.50 3.14 20.91
N LEU C 4 1.30 2.57 20.84
CA LEU C 4 0.11 3.27 20.36
C LEU C 4 -1.01 3.16 21.38
N VAL C 5 -1.61 4.30 21.71
CA VAL C 5 -2.74 4.36 22.64
C VAL C 5 -3.80 5.28 22.04
N GLN C 6 -5.06 4.85 22.12
CA GLN C 6 -6.18 5.58 21.55
C GLN C 6 -7.01 6.25 22.62
N SER C 7 -7.82 7.22 22.19
CA SER C 7 -8.77 7.86 23.09
C SER C 7 -9.84 6.86 23.52
N GLY C 8 -10.51 7.20 24.61
CA GLY C 8 -11.47 6.30 25.23
C GLY C 8 -12.71 6.08 24.39
N ALA C 9 -13.57 5.20 24.89
CA ALA C 9 -14.80 4.86 24.20
C ALA C 9 -15.73 6.06 24.12
N GLU C 10 -16.67 6.00 23.17
CA GLU C 10 -17.61 7.09 22.93
C GLU C 10 -18.94 6.53 22.49
N VAL C 11 -20.02 7.09 23.04
CA VAL C 11 -21.39 6.78 22.63
C VAL C 11 -21.93 7.99 21.90
N LYS C 12 -22.55 7.77 20.75
CA LYS C 12 -23.02 8.86 19.93
C LYS C 12 -24.43 8.54 19.44
N LYS C 13 -24.81 9.19 18.34
CA LYS C 13 -26.16 9.62 18.07
C LYS C 13 -26.33 9.57 16.54
N PRO C 14 -27.49 9.11 16.02
CA PRO C 14 -27.68 9.21 14.56
C PRO C 14 -27.61 10.65 14.06
N GLY C 15 -26.56 10.98 13.31
CA GLY C 15 -26.38 12.31 12.79
C GLY C 15 -25.30 13.14 13.45
N SER C 16 -24.68 12.62 14.51
CA SER C 16 -23.60 13.35 15.18
C SER C 16 -22.26 12.94 14.59
N SER C 17 -21.17 13.40 15.21
CA SER C 17 -19.83 13.15 14.73
C SER C 17 -18.94 12.71 15.88
N VAL C 18 -17.97 11.84 15.55
CA VAL C 18 -16.97 11.39 16.52
C VAL C 18 -15.60 11.91 16.08
N LYS C 19 -14.67 11.90 17.04
CA LYS C 19 -13.25 12.10 16.77
C LYS C 19 -12.47 11.16 17.66
N VAL C 20 -11.71 10.25 17.04
CA VAL C 20 -10.87 9.30 17.76
C VAL C 20 -9.42 9.70 17.56
N SER C 21 -8.59 9.45 18.58
CA SER C 21 -7.20 9.87 18.59
C SER C 21 -6.27 8.68 18.76
N CYS C 22 -4.98 8.92 18.55
CA CYS C 22 -3.96 7.89 18.62
C CYS C 22 -2.60 8.57 18.73
N LYS C 23 -1.92 8.39 19.86
CA LYS C 23 -0.63 9.03 20.12
C LYS C 23 0.47 7.99 20.05
N ALA C 24 1.53 8.32 19.32
CA ALA C 24 2.63 7.41 19.03
C ALA C 24 3.86 7.79 19.86
N SER C 25 4.48 6.80 20.48
CA SER C 25 5.56 7.06 21.44
C SER C 25 6.94 7.07 20.78
N GLY C 26 7.38 5.93 20.25
CA GLY C 26 8.75 5.82 19.77
C GLY C 26 8.90 5.34 18.34
N GLY C 27 9.29 6.25 17.45
CA GLY C 27 9.39 5.92 16.04
C GLY C 27 10.72 6.26 15.39
N THR C 28 11.55 5.24 15.17
CA THR C 28 12.81 5.41 14.46
C THR C 28 12.64 5.43 12.94
N PHE C 29 11.40 5.44 12.46
CA PHE C 29 11.11 5.17 11.06
C PHE C 29 10.73 6.45 10.34
N ASN C 30 11.34 6.69 9.18
CA ASN C 30 11.03 7.87 8.39
C ASN C 30 9.82 7.63 7.50
N ARG C 31 9.90 6.63 6.63
CA ARG C 31 8.75 6.24 5.81
C ARG C 31 7.74 5.52 6.69
N TYR C 32 6.62 6.18 7.01
CA TYR C 32 5.60 5.56 7.83
C TYR C 32 4.23 6.09 7.46
N THR C 33 3.21 5.47 8.04
CA THR C 33 1.82 5.76 7.68
C THR C 33 0.94 5.37 8.86
N VAL C 34 -0.13 6.14 9.06
CA VAL C 34 -1.11 5.86 10.10
C VAL C 34 -2.44 5.55 9.41
N ASN C 35 -3.04 4.41 9.76
CA ASN C 35 -4.30 3.97 9.20
C ASN C 35 -5.34 3.75 10.28
N TRP C 36 -6.60 3.66 9.85
CA TRP C 36 -7.71 3.34 10.73
C TRP C 36 -8.51 2.20 10.08
N VAL C 37 -8.51 1.04 10.71
CA VAL C 37 -9.43 -0.03 10.34
C VAL C 37 -10.44 -0.18 11.46
N ARG C 38 -11.63 -0.66 11.10
CA ARG C 38 -12.70 -0.81 12.07
C ARG C 38 -13.24 -2.23 12.02
N GLN C 39 -14.00 -2.59 13.04
CA GLN C 39 -14.47 -3.96 13.24
C GLN C 39 -15.88 -3.92 13.80
N ALA C 40 -16.87 -4.12 12.93
CA ALA C 40 -18.24 -4.23 13.39
C ALA C 40 -18.38 -5.39 14.36
N PRO C 41 -19.34 -5.32 15.28
CA PRO C 41 -19.47 -6.38 16.29
C PRO C 41 -19.62 -7.76 15.67
N GLY C 42 -18.73 -8.67 16.07
CA GLY C 42 -18.76 -10.03 15.57
C GLY C 42 -18.45 -10.16 14.09
N GLN C 43 -17.82 -9.17 13.49
CA GLN C 43 -17.56 -9.17 12.06
C GLN C 43 -16.09 -8.84 11.81
N GLY C 44 -15.71 -8.82 10.54
CA GLY C 44 -14.31 -8.76 10.17
C GLY C 44 -13.72 -7.37 10.22
N LEU C 45 -12.48 -7.27 9.74
CA LEU C 45 -11.76 -6.01 9.67
C LEU C 45 -12.01 -5.33 8.34
N GLU C 46 -11.89 -4.01 8.34
CA GLU C 46 -12.11 -3.22 7.13
C GLU C 46 -11.24 -1.98 7.17
N TRP C 47 -10.40 -1.81 6.15
CA TRP C 47 -9.61 -0.60 6.04
C TRP C 47 -10.50 0.56 5.60
N MET C 48 -10.46 1.65 6.36
CA MET C 48 -11.26 2.83 6.09
C MET C 48 -10.47 3.95 5.44
N GLY C 49 -9.27 4.22 5.91
CA GLY C 49 -8.47 5.29 5.34
C GLY C 49 -7.17 5.43 6.12
N GLY C 50 -6.20 6.06 5.45
CA GLY C 50 -4.91 6.27 6.04
C GLY C 50 -4.34 7.62 5.64
N ILE C 51 -3.23 7.97 6.26
CA ILE C 51 -2.56 9.24 6.04
C ILE C 51 -1.05 9.01 6.04
N ILE C 52 -0.36 9.74 5.16
CA ILE C 52 1.09 9.83 5.19
C ILE C 52 1.45 11.11 5.92
N PRO C 53 1.78 11.06 7.21
CA PRO C 53 1.94 12.31 7.98
C PRO C 53 3.08 13.19 7.49
N ILE C 54 4.12 12.61 6.86
CA ILE C 54 5.23 13.40 6.36
C ILE C 54 4.76 14.40 5.31
N PHE C 55 3.73 14.04 4.55
CA PHE C 55 3.20 14.90 3.51
C PHE C 55 1.76 15.33 3.74
N GLY C 56 1.12 14.83 4.79
CA GLY C 56 -0.28 15.15 5.04
C GLY C 56 -1.26 14.55 4.06
N THR C 57 -0.80 13.66 3.19
CA THR C 57 -1.67 13.05 2.20
C THR C 57 -2.54 11.97 2.86
N ALA C 58 -3.85 12.11 2.71
CA ALA C 58 -4.80 11.14 3.25
C ALA C 58 -5.46 10.38 2.11
N ASN C 59 -5.64 9.07 2.30
CA ASN C 59 -6.37 8.24 1.38
C ASN C 59 -7.59 7.66 2.10
N TYR C 60 -8.66 7.45 1.35
CA TYR C 60 -9.94 7.02 1.90
C TYR C 60 -10.51 5.91 1.04
N ALA C 61 -11.31 5.04 1.65
CA ALA C 61 -12.05 4.05 0.88
C ALA C 61 -13.14 4.75 0.06
N GLN C 62 -13.71 4.02 -0.90
CA GLN C 62 -14.78 4.59 -1.71
C GLN C 62 -16.01 4.83 -0.85
N ARG C 63 -16.48 3.81 -0.16
CA ARG C 63 -17.39 4.06 0.95
C ARG C 63 -16.64 4.82 2.04
N PHE C 64 -17.38 5.43 2.96
CA PHE C 64 -16.89 6.43 3.92
C PHE C 64 -16.45 7.71 3.21
N GLN C 65 -16.84 7.88 1.95
CA GLN C 65 -16.48 9.08 1.20
C GLN C 65 -17.13 10.32 1.83
N GLY C 66 -16.33 11.37 2.00
CA GLY C 66 -16.87 12.64 2.46
C GLY C 66 -17.44 12.63 3.86
N ARG C 67 -17.55 11.45 4.48
CA ARG C 67 -17.98 11.34 5.86
C ARG C 67 -16.82 11.26 6.83
N LEU C 68 -15.60 11.08 6.35
CA LEU C 68 -14.45 10.75 7.17
C LEU C 68 -13.25 11.57 6.72
N THR C 69 -12.46 12.05 7.69
CA THR C 69 -11.24 12.80 7.43
C THR C 69 -10.18 12.38 8.45
N ILE C 70 -9.08 11.78 7.99
CA ILE C 70 -7.95 11.52 8.87
C ILE C 70 -6.99 12.71 8.84
N THR C 71 -6.66 13.23 10.01
CA THR C 71 -5.67 14.29 10.17
C THR C 71 -4.64 13.83 11.20
N ALA C 72 -3.37 14.01 10.87
CA ALA C 72 -2.28 13.64 11.75
C ALA C 72 -1.48 14.89 12.12
N ASP C 73 -0.71 14.77 13.20
CA ASP C 73 0.15 15.85 13.66
C ASP C 73 1.48 15.27 14.10
N GLU C 74 2.56 15.69 13.43
CA GLU C 74 3.88 15.16 13.78
C GLU C 74 4.35 15.68 15.13
N SER C 75 3.97 16.90 15.50
CA SER C 75 4.49 17.53 16.70
C SER C 75 4.18 16.70 17.94
N THR C 76 2.92 16.28 18.09
CA THR C 76 2.53 15.43 19.20
C THR C 76 2.47 13.95 18.83
N SER C 77 2.76 13.62 17.57
CA SER C 77 2.63 12.25 17.07
C SER C 77 1.22 11.70 17.30
N THR C 78 0.22 12.59 17.28
CA THR C 78 -1.17 12.21 17.42
C THR C 78 -1.82 12.17 16.04
N ALA C 79 -2.64 11.15 15.82
CA ALA C 79 -3.46 11.04 14.62
C ALA C 79 -4.92 11.07 15.00
N TYR C 80 -5.77 11.38 14.03
CA TYR C 80 -7.19 11.55 14.29
C TYR C 80 -8.00 11.00 13.14
N MET C 81 -9.09 10.31 13.47
CA MET C 81 -10.17 10.00 12.54
C MET C 81 -11.43 10.71 13.01
N GLU C 82 -12.02 11.51 12.14
CA GLU C 82 -13.25 12.24 12.44
C GLU C 82 -14.32 11.75 11.46
N LEU C 83 -15.21 10.90 11.94
CA LEU C 83 -16.31 10.40 11.13
C LEU C 83 -17.60 11.09 11.55
N SER C 84 -18.31 11.65 10.59
CA SER C 84 -19.52 12.44 10.82
C SER C 84 -20.72 11.77 10.16
N SER C 85 -21.91 12.26 10.51
CA SER C 85 -23.17 11.72 10.03
C SER C 85 -23.27 10.22 10.36
N LEU C 86 -23.19 9.92 11.64
CA LEU C 86 -23.09 8.55 12.10
C LEU C 86 -24.39 7.80 11.88
N ARG C 87 -24.32 6.68 11.19
CA ARG C 87 -25.43 5.76 11.16
C ARG C 87 -25.26 4.69 12.25
N SER C 88 -26.30 3.90 12.46
CA SER C 88 -26.24 2.86 13.49
C SER C 88 -25.24 1.77 13.11
N ASP C 89 -25.11 1.46 11.82
CA ASP C 89 -24.16 0.45 11.38
C ASP C 89 -22.70 0.95 11.45
N ASP C 90 -22.47 2.13 12.00
CA ASP C 90 -21.13 2.61 12.31
C ASP C 90 -20.68 2.20 13.70
N THR C 91 -21.52 1.50 14.45
CA THR C 91 -21.12 0.90 15.72
C THR C 91 -20.04 -0.14 15.48
N ALA C 92 -18.84 0.11 15.98
CA ALA C 92 -17.70 -0.78 15.74
C ALA C 92 -16.57 -0.36 16.67
N VAL C 93 -15.53 -1.19 16.69
CA VAL C 93 -14.26 -0.85 17.33
C VAL C 93 -13.33 -0.32 16.26
N TYR C 94 -12.73 0.85 16.51
CA TYR C 94 -11.93 1.56 15.52
C TYR C 94 -10.47 1.53 15.97
N PHE C 95 -9.66 0.70 15.32
CA PHE C 95 -8.24 0.62 15.62
C PHE C 95 -7.45 1.61 14.77
N CYS C 96 -6.33 2.07 15.32
CA CYS C 96 -5.34 2.83 14.58
C CYS C 96 -4.08 1.97 14.47
N ALA C 97 -3.60 1.79 13.24
CA ALA C 97 -2.47 0.92 12.97
C ALA C 97 -1.41 1.66 12.18
N ARG C 98 -0.16 1.37 12.47
CA ARG C 98 0.98 2.03 11.86
C ARG C 98 1.62 1.13 10.80
N GLU C 99 2.23 1.76 9.80
CA GLU C 99 3.02 1.08 8.78
C GLU C 99 4.44 1.62 8.86
N ASN C 100 5.27 0.99 9.67
CA ASN C 100 6.68 1.38 9.82
C ASN C 100 7.45 0.86 8.62
N LEU C 101 7.40 1.62 7.54
CA LEU C 101 7.99 1.19 6.28
C LEU C 101 9.50 1.44 6.27
N ASP C 102 10.16 0.84 5.28
CA ASP C 102 11.61 0.95 5.15
C ASP C 102 12.00 2.18 4.35
N ASN C 103 13.17 2.74 4.70
CA ASN C 103 13.63 3.96 4.05
C ASN C 103 14.27 3.72 2.70
N SER C 104 14.45 2.46 2.29
CA SER C 104 15.02 2.14 0.99
C SER C 104 13.98 2.08 -0.12
N GLY C 105 12.73 2.41 0.18
CA GLY C 105 11.71 2.59 -0.84
C GLY C 105 11.27 1.34 -1.57
N THR C 106 11.35 0.18 -0.92
CA THR C 106 10.98 -1.06 -1.60
C THR C 106 9.49 -1.31 -1.57
N TYR C 107 8.80 -0.89 -0.51
CA TYR C 107 7.41 -1.25 -0.27
C TYR C 107 6.51 -0.05 -0.48
N TYR C 108 5.35 -0.29 -1.11
CA TYR C 108 4.41 0.79 -1.40
C TYR C 108 3.83 1.36 -0.10
N TYR C 109 3.06 2.44 -0.24
CA TYR C 109 2.73 3.25 0.92
C TYR C 109 1.52 2.72 1.69
N PHE C 110 0.59 2.05 1.02
CA PHE C 110 -0.57 1.48 1.70
C PHE C 110 -0.71 0.01 1.36
N SER C 111 0.35 -0.75 1.63
CA SER C 111 0.34 -2.18 1.31
C SER C 111 -0.22 -3.03 2.44
N GLY C 112 -0.32 -2.49 3.65
CA GLY C 112 -0.93 -3.20 4.75
C GLY C 112 0.05 -3.87 5.70
N TRP C 113 1.17 -3.21 5.97
CA TRP C 113 2.16 -3.74 6.92
C TRP C 113 1.92 -3.13 8.29
N PHE C 114 0.83 -3.57 8.92
CA PHE C 114 0.38 -3.04 10.20
C PHE C 114 1.04 -3.81 11.32
N ASP C 115 2.19 -3.32 11.79
CA ASP C 115 2.90 -3.96 12.89
C ASP C 115 2.50 -3.34 14.22
N PRO C 116 2.48 -2.00 14.36
CA PRO C 116 1.97 -1.42 15.61
C PRO C 116 0.48 -1.08 15.54
N TRP C 117 -0.29 -1.64 16.47
CA TRP C 117 -1.74 -1.45 16.52
C TRP C 117 -2.12 -0.76 17.81
N GLY C 118 -3.20 0.02 17.74
CA GLY C 118 -3.78 0.61 18.94
C GLY C 118 -4.69 -0.36 19.67
N GLN C 119 -5.04 0.00 20.90
CA GLN C 119 -5.85 -0.91 21.71
C GLN C 119 -7.30 -0.98 21.22
N GLY C 120 -7.78 0.08 20.57
CA GLY C 120 -9.13 0.10 20.06
C GLY C 120 -10.02 1.11 20.73
N THR C 121 -11.05 1.56 20.03
CA THR C 121 -12.01 2.53 20.55
C THR C 121 -13.40 2.08 20.14
N LEU C 122 -14.24 1.76 21.11
CA LEU C 122 -15.61 1.32 20.84
C LEU C 122 -16.52 2.52 20.71
N VAL C 123 -17.08 2.72 19.52
CA VAL C 123 -17.99 3.82 19.24
C VAL C 123 -19.37 3.21 19.05
N THR C 124 -20.30 3.56 19.95
CA THR C 124 -21.67 3.07 19.88
C THR C 124 -22.59 4.18 19.40
N VAL C 125 -23.54 3.82 18.54
CA VAL C 125 -24.53 4.75 18.01
C VAL C 125 -25.91 4.22 18.36
N SER C 126 -26.73 5.08 18.94
CA SER C 126 -28.06 4.70 19.46
C SER C 126 -27.93 3.61 20.52
#